data_1AGF
#
_entry.id   1AGF
#
_cell.length_a   50.600
_cell.length_b   81.300
_cell.length_c   110.100
_cell.angle_alpha   90.00
_cell.angle_beta   90.00
_cell.angle_gamma   90.00
#
_symmetry.space_group_name_H-M   'P 21 21 21'
#
loop_
_entity.id
_entity.type
_entity.pdbx_description
1 polymer B*0801
2 polymer 'BETA-2 MICROGLOBULIN'
3 polymer 'HIV-1 GAG PEPTIDE (GGKKRYKL - 5R MUTATION)'
4 water water
#
loop_
_entity_poly.entity_id
_entity_poly.type
_entity_poly.pdbx_seq_one_letter_code
_entity_poly.pdbx_strand_id
1 'polypeptide(L)'
;GSHSMRYFDTAMSRPGRGEPRFISVGYVDDTQFVRFDSDAASPREEPRAPWIEQEGPEYWDRNTQIFKTNTQTDRESLRN
LRGYYNQSEAGSHTLQSMYGCDVGPDGRLLRGHNQYAYDGKDYIALNEDLRSWTAADTAAQITQRKWEAARVAEQDRAYL
EGTCVEWLRRYLENGKDTLERADPPKTHVTHHPISDHEATLRCWALGFYPAEITLTWQRDGEDQTQDTELVETRPAGDRT
FQKWAAVVVPSGEEQRYTCHVQHEGLPKPLTLRWEP
;
A
2 'polypeptide(L)'
;IQRTPKIQVYSRHPAENGKSNFLNCYVSGFHPSDIEVDLLKNGERIEKVEHSDLSFSKDWSFYLLYYTEFTPTEKDEYAC
RVNHVTLSQPKIVKWDRDM
;
B
3 'polypeptide(L)' GGKKRYKL C
#
# COMPACT_ATOMS: atom_id res chain seq x y z
N GLY A 1 21.37 -0.48 -0.35
CA GLY A 1 20.56 0.28 0.68
C GLY A 1 19.66 -0.61 1.52
N SER A 2 18.94 -0.04 2.49
CA SER A 2 18.08 -0.85 3.32
C SER A 2 16.82 -0.22 3.93
N HIS A 3 16.70 1.11 3.94
CA HIS A 3 15.47 1.72 4.49
C HIS A 3 14.93 2.93 3.79
N SER A 4 13.63 3.11 3.91
CA SER A 4 12.97 4.26 3.30
C SER A 4 11.92 4.88 4.20
N MET A 5 11.79 6.19 4.14
CA MET A 5 10.72 6.88 4.84
C MET A 5 9.96 7.48 3.69
N ARG A 6 8.64 7.42 3.75
CA ARG A 6 7.87 7.98 2.67
C ARG A 6 6.49 8.45 3.14
N TYR A 7 6.06 9.59 2.59
CA TYR A 7 4.74 10.15 2.88
C TYR A 7 3.90 10.02 1.62
N PHE A 8 2.66 9.57 1.79
CA PHE A 8 1.69 9.41 0.70
C PHE A 8 0.47 10.31 0.95
N ASP A 9 0.41 11.46 0.27
CA ASP A 9 -0.66 12.45 0.44
C ASP A 9 -1.67 12.42 -0.71
N THR A 10 -2.95 12.41 -0.37
CA THR A 10 -4.03 12.35 -1.35
C THR A 10 -4.99 13.50 -1.09
N ALA A 11 -5.22 14.32 -2.11
CA ALA A 11 -6.16 15.43 -2.02
C ALA A 11 -7.21 15.14 -3.10
N MET A 12 -8.48 15.10 -2.70
CA MET A 12 -9.56 14.81 -3.63
C MET A 12 -10.65 15.88 -3.54
N SER A 13 -10.96 16.54 -4.64
CA SER A 13 -12.02 17.54 -4.63
C SER A 13 -13.34 16.78 -4.72
N ARG A 14 -14.41 17.40 -4.22
CA ARG A 14 -15.74 16.80 -4.23
C ARG A 14 -16.70 17.98 -4.30
N PRO A 15 -16.90 18.57 -5.50
CA PRO A 15 -17.79 19.72 -5.69
C PRO A 15 -19.21 19.51 -5.15
N GLY A 16 -19.67 20.42 -4.30
CA GLY A 16 -20.99 20.32 -3.72
C GLY A 16 -21.01 19.58 -2.38
N ARG A 17 -19.86 19.03 -2.02
CA ARG A 17 -19.73 18.27 -0.77
C ARG A 17 -18.53 18.75 0.06
N GLY A 18 -18.35 20.06 0.05
CA GLY A 18 -17.29 20.64 0.82
C GLY A 18 -15.98 20.82 0.12
N GLU A 19 -14.97 21.18 0.90
CA GLU A 19 -13.64 21.40 0.42
C GLU A 19 -12.92 20.05 0.16
N PRO A 20 -11.90 20.05 -0.71
CA PRO A 20 -11.17 18.82 -1.03
C PRO A 20 -10.62 18.14 0.21
N ARG A 21 -10.92 16.85 0.32
CA ARG A 21 -10.40 16.08 1.45
C ARG A 21 -8.91 15.80 1.26
N PHE A 22 -8.14 15.97 2.35
CA PHE A 22 -6.71 15.70 2.35
C PHE A 22 -6.32 14.65 3.41
N ILE A 23 -5.63 13.61 2.98
CA ILE A 23 -5.15 12.61 3.90
C ILE A 23 -3.66 12.34 3.63
N SER A 24 -2.87 12.23 4.70
CA SER A 24 -1.46 11.95 4.55
C SER A 24 -1.07 10.87 5.53
N VAL A 25 -0.45 9.81 5.02
CA VAL A 25 0.04 8.71 5.86
C VAL A 25 1.54 8.64 5.66
N GLY A 26 2.29 8.44 6.74
CA GLY A 26 3.74 8.34 6.65
C GLY A 26 4.14 6.91 6.96
N TYR A 27 5.15 6.39 6.28
CA TYR A 27 5.63 5.02 6.47
C TYR A 27 7.15 4.95 6.60
N VAL A 28 7.65 3.97 7.36
CA VAL A 28 9.09 3.71 7.40
C VAL A 28 8.99 2.28 6.84
N ASP A 29 9.56 2.06 5.64
CA ASP A 29 9.45 0.78 4.93
C ASP A 29 7.96 0.41 4.81
N ASP A 30 7.57 -0.78 5.25
CA ASP A 30 6.18 -1.20 5.14
C ASP A 30 5.42 -1.03 6.43
N THR A 31 5.92 -0.13 7.27
CA THR A 31 5.31 0.14 8.57
C THR A 31 4.75 1.56 8.61
N GLN A 32 3.42 1.70 8.78
CA GLN A 32 2.85 3.05 8.85
C GLN A 32 3.12 3.60 10.27
N PHE A 33 3.47 4.89 10.40
CA PHE A 33 3.73 5.44 11.71
C PHE A 33 2.90 6.69 12.05
N VAL A 34 2.30 7.32 11.03
CA VAL A 34 1.46 8.54 11.22
C VAL A 34 0.35 8.64 10.17
N ARG A 35 -0.68 9.40 10.51
CA ARG A 35 -1.77 9.70 9.58
C ARG A 35 -2.30 11.08 9.93
N PHE A 36 -2.89 11.70 8.93
CA PHE A 36 -3.52 13.00 9.07
C PHE A 36 -4.65 13.00 8.05
N ASP A 37 -5.81 13.48 8.51
CA ASP A 37 -7.04 13.53 7.71
C ASP A 37 -7.76 14.85 7.98
N SER A 38 -7.91 15.68 6.96
CA SER A 38 -8.58 16.97 7.12
C SER A 38 -10.05 16.77 7.51
N ASP A 39 -10.60 15.58 7.30
CA ASP A 39 -11.97 15.27 7.65
C ASP A 39 -12.15 14.78 9.09
N ALA A 40 -11.09 14.69 9.88
CA ALA A 40 -11.23 14.25 11.27
C ALA A 40 -11.91 15.39 12.03
N ALA A 41 -12.65 15.06 13.09
CA ALA A 41 -13.32 16.07 13.91
C ALA A 41 -12.32 17.19 14.25
N SER A 42 -11.11 16.80 14.65
CA SER A 42 -10.03 17.78 14.92
C SER A 42 -8.77 17.20 14.25
N PRO A 43 -8.51 17.61 12.99
CA PRO A 43 -7.34 17.13 12.25
C PRO A 43 -6.00 17.43 12.94
N ARG A 44 -5.22 16.37 13.10
CA ARG A 44 -3.91 16.43 13.71
C ARG A 44 -3.15 15.19 13.24
N GLU A 45 -1.83 15.32 13.28
CA GLU A 45 -0.91 14.26 12.92
C GLU A 45 -1.00 13.30 14.11
N GLU A 46 -1.37 12.04 13.87
CA GLU A 46 -1.48 11.08 14.95
C GLU A 46 -0.67 9.81 14.74
N PRO A 47 -0.15 9.21 15.84
CA PRO A 47 0.65 7.99 15.81
C PRO A 47 -0.10 6.75 15.37
N ARG A 48 0.53 5.97 14.50
CA ARG A 48 -0.06 4.73 14.00
C ARG A 48 0.95 3.58 14.21
N ALA A 49 2.00 3.88 14.99
CA ALA A 49 3.07 2.95 15.35
C ALA A 49 3.58 3.32 16.77
N PRO A 50 3.81 2.31 17.64
CA PRO A 50 4.28 2.46 19.02
C PRO A 50 5.51 3.38 19.24
N TRP A 51 6.55 3.14 18.44
CA TRP A 51 7.80 3.87 18.54
C TRP A 51 7.75 5.37 18.21
N ILE A 52 6.65 5.86 17.61
CA ILE A 52 6.54 7.29 17.31
C ILE A 52 5.84 8.04 18.47
N GLU A 53 5.17 7.30 19.34
CA GLU A 53 4.44 7.91 20.47
C GLU A 53 5.32 8.64 21.47
N GLN A 54 6.57 8.25 21.52
CA GLN A 54 7.50 8.88 22.43
C GLN A 54 7.86 10.30 22.01
N GLU A 55 7.55 10.68 20.77
CA GLU A 55 7.87 12.04 20.31
C GLU A 55 7.08 13.03 21.15
N GLY A 56 7.68 14.16 21.48
CA GLY A 56 7.00 15.16 22.29
C GLY A 56 5.90 16.00 21.64
N PRO A 57 5.23 16.85 22.44
CA PRO A 57 4.14 17.74 22.04
C PRO A 57 4.56 18.61 20.87
N GLU A 58 5.77 19.14 20.94
CA GLU A 58 6.31 19.99 19.90
C GLU A 58 6.33 19.24 18.55
N TYR A 59 6.67 17.95 18.56
CA TYR A 59 6.68 17.16 17.31
C TYR A 59 5.29 17.06 16.67
N TRP A 60 4.30 16.75 17.50
CA TRP A 60 2.93 16.60 17.05
C TRP A 60 2.32 17.89 16.55
N ASP A 61 2.69 18.99 17.19
CA ASP A 61 2.18 20.30 16.80
C ASP A 61 2.79 20.74 15.49
N ARG A 62 4.09 20.64 15.38
CA ARG A 62 4.75 21.04 14.16
C ARG A 62 4.22 20.24 12.96
N ASN A 63 4.10 18.93 13.10
CA ASN A 63 3.59 18.13 12.00
C ASN A 63 2.11 18.37 11.73
N THR A 64 1.34 18.66 12.76
CA THR A 64 -0.07 18.96 12.55
C THR A 64 -0.13 20.21 11.68
N GLN A 65 0.67 21.22 12.02
CA GLN A 65 0.74 22.46 11.24
C GLN A 65 1.21 22.25 9.80
N ILE A 66 2.22 21.41 9.62
CA ILE A 66 2.75 21.11 8.29
C ILE A 66 1.63 20.51 7.40
N PHE A 67 0.81 19.63 7.98
CA PHE A 67 -0.27 18.99 7.22
C PHE A 67 -1.50 19.84 7.02
N LYS A 68 -1.75 20.76 7.94
CA LYS A 68 -2.85 21.68 7.76
C LYS A 68 -2.45 22.60 6.60
N THR A 69 -1.18 22.96 6.54
CA THR A 69 -0.65 23.83 5.48
C THR A 69 -0.66 23.10 4.15
N ASN A 70 -0.26 21.82 4.15
CA ASN A 70 -0.31 21.02 2.93
C ASN A 70 -1.75 20.85 2.47
N THR A 71 -2.69 20.77 3.42
CA THR A 71 -4.11 20.65 3.03
C THR A 71 -4.51 21.88 2.20
N GLN A 72 -4.14 23.06 2.69
CA GLN A 72 -4.46 24.31 2.01
C GLN A 72 -3.78 24.45 0.64
N THR A 73 -2.50 24.09 0.59
CA THR A 73 -1.69 24.10 -0.64
C THR A 73 -2.25 23.12 -1.68
N ASP A 74 -2.63 21.92 -1.28
CA ASP A 74 -3.17 20.99 -2.29
C ASP A 74 -4.53 21.50 -2.82
N ARG A 75 -5.30 22.17 -1.99
CA ARG A 75 -6.57 22.72 -2.44
C ARG A 75 -6.33 23.80 -3.52
N GLU A 76 -5.29 24.59 -3.32
CA GLU A 76 -4.90 25.64 -4.25
C GLU A 76 -4.36 24.99 -5.52
N SER A 77 -3.58 23.92 -5.38
CA SER A 77 -3.06 23.21 -6.56
C SER A 77 -4.18 22.55 -7.37
N LEU A 78 -5.18 21.97 -6.71
CA LEU A 78 -6.28 21.34 -7.44
C LEU A 78 -7.00 22.39 -8.30
N ARG A 79 -7.15 23.60 -7.76
CA ARG A 79 -7.77 24.69 -8.49
C ARG A 79 -6.93 25.05 -9.71
N ASN A 80 -5.61 25.15 -9.51
CA ASN A 80 -4.69 25.47 -10.60
C ASN A 80 -4.73 24.39 -11.66
N LEU A 81 -4.69 23.14 -11.20
CA LEU A 81 -4.71 21.96 -12.07
C LEU A 81 -5.91 21.97 -12.99
N ARG A 82 -7.07 22.30 -12.43
CA ARG A 82 -8.31 22.39 -13.21
C ARG A 82 -8.12 23.37 -14.36
N GLY A 83 -7.49 24.51 -14.08
CA GLY A 83 -7.22 25.50 -15.12
C GLY A 83 -6.21 25.02 -16.15
N TYR A 84 -5.14 24.34 -15.70
CA TYR A 84 -4.13 23.84 -16.62
C TYR A 84 -4.72 22.88 -17.64
N TYR A 85 -5.78 22.19 -17.24
CA TYR A 85 -6.40 21.22 -18.11
C TYR A 85 -7.75 21.64 -18.66
N ASN A 86 -8.11 22.90 -18.45
CA ASN A 86 -9.38 23.45 -18.96
C ASN A 86 -10.55 22.60 -18.50
N GLN A 87 -10.51 22.10 -17.26
CA GLN A 87 -11.59 21.27 -16.70
C GLN A 87 -12.64 22.13 -15.96
N SER A 88 -13.88 21.64 -15.88
CA SER A 88 -14.92 22.39 -15.16
C SER A 88 -14.82 22.21 -13.66
N GLU A 89 -15.49 23.11 -12.96
CA GLU A 89 -15.53 23.11 -11.50
C GLU A 89 -16.41 21.99 -10.91
N ALA A 90 -17.14 21.30 -11.77
CA ALA A 90 -18.08 20.27 -11.37
C ALA A 90 -17.57 18.86 -11.15
N GLY A 91 -16.38 18.55 -11.68
CA GLY A 91 -15.87 17.20 -11.54
C GLY A 91 -14.99 17.05 -10.33
N SER A 92 -14.82 15.81 -9.89
CA SER A 92 -13.98 15.46 -8.76
C SER A 92 -12.60 15.09 -9.33
N HIS A 93 -11.51 15.56 -8.71
CA HIS A 93 -10.16 15.24 -9.14
C HIS A 93 -9.26 14.91 -7.96
N THR A 94 -8.21 14.16 -8.25
CA THR A 94 -7.27 13.70 -7.24
C THR A 94 -5.83 14.15 -7.52
N LEU A 95 -5.15 14.63 -6.47
CA LEU A 95 -3.75 15.02 -6.53
C LEU A 95 -3.08 14.18 -5.46
N GLN A 96 -2.05 13.44 -5.85
CA GLN A 96 -1.33 12.64 -4.89
C GLN A 96 0.12 13.10 -4.89
N SER A 97 0.76 13.00 -3.73
CA SER A 97 2.16 13.37 -3.52
C SER A 97 2.79 12.16 -2.85
N MET A 98 4.04 11.88 -3.22
CA MET A 98 4.80 10.78 -2.68
C MET A 98 6.18 11.38 -2.53
N TYR A 99 6.65 11.47 -1.29
CA TYR A 99 7.97 12.07 -1.04
C TYR A 99 8.71 11.43 0.15
N GLY A 100 10.03 11.48 0.11
CA GLY A 100 10.83 10.92 1.16
C GLY A 100 12.24 10.60 0.72
N CYS A 101 12.92 9.76 1.49
CA CYS A 101 14.29 9.43 1.21
C CYS A 101 14.53 7.98 1.53
N ASP A 102 15.57 7.43 0.92
CA ASP A 102 15.98 6.07 1.17
C ASP A 102 17.41 6.21 1.71
N VAL A 103 17.78 5.37 2.66
CA VAL A 103 19.13 5.38 3.26
C VAL A 103 19.76 4.00 3.18
N GLY A 104 21.07 3.95 3.05
CA GLY A 104 21.75 2.67 2.99
C GLY A 104 21.96 2.15 4.40
N PRO A 105 22.54 0.94 4.58
CA PRO A 105 22.78 0.38 5.91
C PRO A 105 23.55 1.33 6.82
N ASP A 106 24.45 2.11 6.22
CA ASP A 106 25.26 3.10 6.95
C ASP A 106 24.48 4.37 7.30
N GLY A 107 23.20 4.42 6.90
CA GLY A 107 22.37 5.56 7.20
C GLY A 107 22.54 6.76 6.28
N ARG A 108 23.36 6.65 5.24
CA ARG A 108 23.54 7.78 4.33
C ARG A 108 22.54 7.77 3.16
N LEU A 109 22.17 8.96 2.69
CA LEU A 109 21.22 9.08 1.59
C LEU A 109 21.57 8.23 0.35
N LEU A 110 20.66 7.34 -0.02
CA LEU A 110 20.79 6.53 -1.22
C LEU A 110 20.09 7.32 -2.33
N ARG A 111 18.91 7.86 -1.99
CA ARG A 111 18.13 8.68 -2.93
C ARG A 111 16.90 9.35 -2.36
N GLY A 112 16.59 10.52 -2.91
CA GLY A 112 15.43 11.28 -2.50
C GLY A 112 14.33 11.16 -3.55
N HIS A 113 13.11 11.39 -3.10
CA HIS A 113 11.93 11.32 -3.95
C HIS A 113 10.97 12.47 -3.67
N ASN A 114 10.36 12.99 -4.72
CA ASN A 114 9.37 14.05 -4.56
C ASN A 114 8.58 14.13 -5.84
N GLN A 115 7.52 13.33 -5.93
CA GLN A 115 6.72 13.30 -7.16
C GLN A 115 5.23 13.43 -6.97
N TYR A 116 4.53 13.79 -8.05
CA TYR A 116 3.09 14.05 -8.04
C TYR A 116 2.34 13.39 -9.17
N ALA A 117 1.07 13.05 -8.91
CA ALA A 117 0.21 12.46 -9.92
C ALA A 117 -1.15 13.15 -9.87
N TYR A 118 -1.67 13.49 -11.04
CA TYR A 118 -2.97 14.14 -11.16
C TYR A 118 -3.92 13.16 -11.85
N ASP A 119 -4.98 12.78 -11.12
CA ASP A 119 -6.02 11.83 -11.58
C ASP A 119 -5.46 10.47 -11.94
N GLY A 120 -4.45 10.04 -11.17
CA GLY A 120 -3.81 8.75 -11.39
C GLY A 120 -2.70 8.72 -12.44
N LYS A 121 -2.32 9.88 -12.98
CA LYS A 121 -1.28 9.92 -14.01
C LYS A 121 -0.17 10.79 -13.53
N ASP A 122 1.07 10.30 -13.71
CA ASP A 122 2.26 11.04 -13.32
C ASP A 122 2.18 12.42 -13.93
N TYR A 123 2.47 13.42 -13.09
CA TYR A 123 2.39 14.82 -13.45
C TYR A 123 3.76 15.49 -13.51
N ILE A 124 4.50 15.51 -12.41
CA ILE A 124 5.84 16.10 -12.38
C ILE A 124 6.67 15.34 -11.31
N ALA A 125 8.00 15.28 -11.47
CA ALA A 125 8.84 14.60 -10.50
C ALA A 125 10.20 15.23 -10.38
N LEU A 126 10.73 15.30 -9.16
CA LEU A 126 12.06 15.81 -8.93
C LEU A 126 12.96 14.67 -9.37
N ASN A 127 13.94 14.98 -10.20
CA ASN A 127 14.86 13.97 -10.70
C ASN A 127 15.80 13.47 -9.60
N GLU A 128 16.41 12.33 -9.83
CA GLU A 128 17.30 11.75 -8.84
C GLU A 128 18.41 12.69 -8.41
N ASP A 129 18.76 13.64 -9.25
CA ASP A 129 19.83 14.62 -8.90
C ASP A 129 19.37 15.63 -7.85
N LEU A 130 18.08 15.62 -7.53
CA LEU A 130 17.51 16.55 -6.56
C LEU A 130 17.71 18.00 -6.98
N ARG A 131 17.83 18.21 -8.29
CA ARG A 131 18.07 19.54 -8.81
C ARG A 131 17.21 19.94 -9.99
N SER A 132 16.70 18.96 -10.73
CA SER A 132 15.90 19.23 -11.91
C SER A 132 14.56 18.48 -11.88
N TRP A 133 13.67 18.80 -12.81
CA TRP A 133 12.33 18.23 -12.87
C TRP A 133 11.98 17.58 -14.19
N THR A 134 11.10 16.59 -14.14
CA THR A 134 10.58 15.95 -15.33
C THR A 134 9.05 16.20 -15.27
N ALA A 135 8.55 16.92 -16.26
CA ALA A 135 7.15 17.28 -16.40
C ALA A 135 6.61 16.30 -17.41
N ALA A 136 5.46 15.71 -17.12
CA ALA A 136 4.83 14.75 -18.01
C ALA A 136 4.14 15.36 -19.25
N ASP A 137 3.77 16.64 -19.16
CA ASP A 137 3.06 17.32 -20.24
C ASP A 137 3.19 18.82 -20.10
N THR A 138 2.45 19.55 -20.97
CA THR A 138 2.46 21.02 -20.99
C THR A 138 1.89 21.74 -19.77
N ALA A 139 0.98 21.08 -19.06
CA ALA A 139 0.42 21.62 -17.82
C ALA A 139 1.53 21.51 -16.74
N ALA A 140 2.17 20.33 -16.64
CA ALA A 140 3.23 20.12 -15.67
C ALA A 140 4.39 21.07 -15.93
N GLN A 141 4.60 21.42 -17.20
CA GLN A 141 5.68 22.35 -17.53
C GLN A 141 5.40 23.71 -16.92
N ILE A 142 4.13 24.03 -16.69
CA ILE A 142 3.79 25.30 -16.03
C ILE A 142 4.27 25.18 -14.59
N THR A 143 3.98 24.06 -13.95
CA THR A 143 4.45 23.85 -12.57
C THR A 143 5.99 23.90 -12.53
N GLN A 144 6.63 23.27 -13.52
CA GLN A 144 8.10 23.26 -13.59
C GLN A 144 8.69 24.66 -13.61
N ARG A 145 8.16 25.54 -14.48
CA ARG A 145 8.62 26.93 -14.62
C ARG A 145 8.52 27.63 -13.33
N LYS A 146 7.36 27.50 -12.68
CA LYS A 146 7.16 28.15 -11.41
C LYS A 146 8.15 27.69 -10.33
N TRP A 147 8.36 26.37 -10.23
CA TRP A 147 9.28 25.80 -9.26
C TRP A 147 10.71 26.18 -9.55
N GLU A 148 11.07 26.16 -10.83
CA GLU A 148 12.40 26.58 -11.22
C GLU A 148 12.62 28.06 -10.84
N ALA A 149 11.62 28.91 -11.10
CA ALA A 149 11.74 30.33 -10.81
C ALA A 149 11.90 30.61 -9.32
N ALA A 150 11.24 29.80 -8.50
CA ALA A 150 11.30 29.96 -7.05
C ALA A 150 12.42 29.13 -6.42
N ARG A 151 13.18 28.44 -7.26
CA ARG A 151 14.29 27.60 -6.81
C ARG A 151 13.81 26.61 -5.72
N VAL A 152 12.69 25.95 -6.03
CA VAL A 152 12.06 24.98 -5.15
C VAL A 152 12.92 23.74 -4.96
N ALA A 153 13.57 23.27 -6.01
CA ALA A 153 14.39 22.06 -5.91
C ALA A 153 15.47 22.15 -4.80
N GLU A 154 15.99 23.36 -4.57
CA GLU A 154 17.02 23.59 -3.54
C GLU A 154 16.53 23.31 -2.12
N GLN A 155 15.27 23.67 -1.88
CA GLN A 155 14.59 23.47 -0.61
C GLN A 155 14.30 21.96 -0.45
N ASP A 156 13.75 21.35 -1.49
CA ASP A 156 13.46 19.93 -1.45
C ASP A 156 14.71 19.13 -1.16
N ARG A 157 15.80 19.48 -1.83
CA ARG A 157 17.07 18.81 -1.66
C ARG A 157 17.53 18.97 -0.20
N ALA A 158 17.43 20.18 0.34
CA ALA A 158 17.83 20.44 1.72
C ALA A 158 17.03 19.58 2.70
N TYR A 159 15.76 19.33 2.37
CA TYR A 159 14.91 18.50 3.22
C TYR A 159 15.29 17.03 3.01
N LEU A 160 15.37 16.60 1.75
CA LEU A 160 15.69 15.22 1.44
C LEU A 160 17.06 14.74 1.84
N GLU A 161 18.03 15.66 1.83
CA GLU A 161 19.42 15.30 2.20
C GLU A 161 19.69 15.45 3.68
N GLY A 162 19.00 16.36 4.35
CA GLY A 162 19.21 16.57 5.76
C GLY A 162 18.09 16.08 6.65
N THR A 163 17.12 16.95 6.88
CA THR A 163 15.97 16.70 7.75
C THR A 163 15.36 15.31 7.56
N CYS A 164 15.14 14.92 6.31
CA CYS A 164 14.53 13.65 6.01
C CYS A 164 15.32 12.42 6.49
N VAL A 165 16.60 12.42 6.14
CA VAL A 165 17.50 11.33 6.47
C VAL A 165 17.70 11.26 7.99
N GLU A 166 17.69 12.43 8.64
CA GLU A 166 17.83 12.54 10.09
C GLU A 166 16.62 11.93 10.81
N TRP A 167 15.43 12.23 10.32
CA TRP A 167 14.24 11.67 10.93
C TRP A 167 14.23 10.16 10.76
N LEU A 168 14.49 9.69 9.55
CA LEU A 168 14.49 8.27 9.28
C LEU A 168 15.48 7.55 10.19
N ARG A 169 16.65 8.12 10.36
CA ARG A 169 17.66 7.50 11.22
C ARG A 169 17.17 7.46 12.67
N ARG A 170 16.45 8.50 13.08
CA ARG A 170 15.92 8.56 14.44
C ARG A 170 14.81 7.53 14.62
N TYR A 171 13.93 7.39 13.61
CA TYR A 171 12.84 6.41 13.70
C TYR A 171 13.38 4.99 13.74
N LEU A 172 14.41 4.72 12.92
CA LEU A 172 15.06 3.41 12.86
C LEU A 172 15.64 3.01 14.21
N GLU A 173 16.24 3.98 14.90
CA GLU A 173 16.80 3.76 16.22
C GLU A 173 15.69 3.53 17.24
N ASN A 174 14.67 4.39 17.25
CA ASN A 174 13.55 4.26 18.17
C ASN A 174 12.68 3.02 17.98
N GLY A 175 12.57 2.55 16.75
CA GLY A 175 11.78 1.36 16.49
C GLY A 175 12.59 0.19 15.95
N LYS A 176 13.86 0.09 16.35
CA LYS A 176 14.72 -1.00 15.87
C LYS A 176 14.23 -2.44 16.08
N ASP A 177 13.56 -2.72 17.21
CA ASP A 177 13.07 -4.09 17.46
C ASP A 177 12.08 -4.61 16.39
N THR A 178 11.39 -3.72 15.68
CA THR A 178 10.46 -4.15 14.64
C THR A 178 10.94 -3.68 13.27
N LEU A 179 11.31 -2.40 13.18
CA LEU A 179 11.75 -1.84 11.91
C LEU A 179 12.97 -2.52 11.33
N GLU A 180 13.90 -2.93 12.18
CA GLU A 180 15.11 -3.61 11.73
C GLU A 180 15.07 -5.13 11.91
N ARG A 181 13.87 -5.68 12.13
CA ARG A 181 13.73 -7.13 12.28
C ARG A 181 12.95 -7.70 11.08
N ALA A 182 13.57 -8.64 10.38
CA ALA A 182 12.93 -9.27 9.25
C ALA A 182 12.30 -10.56 9.76
N ASP A 183 10.99 -10.74 9.59
CA ASP A 183 10.33 -11.99 10.00
C ASP A 183 10.22 -12.83 8.74
N PRO A 184 10.92 -13.98 8.70
CA PRO A 184 10.87 -14.84 7.52
C PRO A 184 9.51 -15.49 7.31
N PRO A 185 9.20 -15.84 6.05
CA PRO A 185 7.89 -16.46 5.84
C PRO A 185 7.80 -17.88 6.35
N LYS A 186 6.62 -18.26 6.81
CA LYS A 186 6.33 -19.61 7.25
C LYS A 186 5.79 -20.16 5.92
N THR A 187 6.36 -21.25 5.41
CA THR A 187 5.93 -21.76 4.13
C THR A 187 5.41 -23.18 4.09
N HIS A 188 4.55 -23.48 3.10
CA HIS A 188 4.01 -24.83 2.91
C HIS A 188 3.33 -24.96 1.55
N VAL A 189 3.17 -26.18 1.05
CA VAL A 189 2.52 -26.41 -0.25
C VAL A 189 1.21 -27.19 -0.02
N THR A 190 0.10 -26.69 -0.55
CA THR A 190 -1.18 -27.39 -0.43
C THR A 190 -1.45 -27.99 -1.82
N HIS A 191 -2.36 -28.96 -1.87
CA HIS A 191 -2.68 -29.67 -3.10
C HIS A 191 -4.20 -29.78 -3.21
N HIS A 192 -4.74 -29.32 -4.33
CA HIS A 192 -6.19 -29.36 -4.54
C HIS A 192 -6.57 -30.00 -5.88
N PRO A 193 -7.10 -31.23 -5.85
CA PRO A 193 -7.50 -31.93 -7.08
C PRO A 193 -8.56 -31.09 -7.80
N ILE A 194 -8.44 -30.99 -9.12
CA ILE A 194 -9.36 -30.24 -9.96
C ILE A 194 -10.29 -31.25 -10.66
N SER A 195 -9.70 -32.33 -11.14
CA SER A 195 -10.42 -33.40 -11.83
C SER A 195 -9.52 -34.63 -11.67
N ASP A 196 -9.80 -35.71 -12.39
CA ASP A 196 -8.95 -36.90 -12.32
C ASP A 196 -7.61 -36.59 -12.99
N HIS A 197 -7.62 -35.57 -13.86
CA HIS A 197 -6.49 -35.19 -14.69
C HIS A 197 -5.52 -34.09 -14.21
N GLU A 198 -5.97 -33.20 -13.34
CA GLU A 198 -5.13 -32.10 -12.88
C GLU A 198 -5.41 -31.79 -11.44
N ALA A 199 -4.42 -31.17 -10.81
CA ALA A 199 -4.50 -30.75 -9.41
C ALA A 199 -3.76 -29.43 -9.31
N THR A 200 -4.16 -28.60 -8.35
CA THR A 200 -3.49 -27.33 -8.12
C THR A 200 -2.50 -27.51 -6.97
N LEU A 201 -1.27 -27.01 -7.15
CA LEU A 201 -0.27 -27.00 -6.09
C LEU A 201 -0.15 -25.52 -5.76
N ARG A 202 -0.42 -25.16 -4.51
CA ARG A 202 -0.35 -23.77 -4.07
C ARG A 202 0.75 -23.65 -3.02
N CYS A 203 1.69 -22.75 -3.26
CA CYS A 203 2.78 -22.54 -2.35
C CYS A 203 2.51 -21.27 -1.55
N TRP A 204 2.49 -21.42 -0.22
CA TRP A 204 2.20 -20.34 0.73
C TRP A 204 3.40 -19.75 1.44
N ALA A 205 3.32 -18.44 1.71
CA ALA A 205 4.32 -17.71 2.48
C ALA A 205 3.43 -16.81 3.35
N LEU A 206 3.57 -16.97 4.66
CA LEU A 206 2.77 -16.21 5.61
C LEU A 206 3.62 -15.67 6.75
N GLY A 207 3.13 -14.63 7.40
CA GLY A 207 3.82 -14.03 8.53
C GLY A 207 5.14 -13.34 8.31
N PHE A 208 5.45 -12.99 7.07
CA PHE A 208 6.71 -12.34 6.79
C PHE A 208 6.65 -10.80 6.78
N TYR A 209 7.79 -10.20 7.07
CA TYR A 209 7.95 -8.76 7.06
C TYR A 209 9.44 -8.60 6.76
N PRO A 210 9.82 -7.70 5.84
CA PRO A 210 8.97 -6.79 5.05
C PRO A 210 8.22 -7.50 3.92
N ALA A 211 7.32 -6.79 3.22
CA ALA A 211 6.53 -7.38 2.13
C ALA A 211 7.29 -7.95 0.95
N GLU A 212 8.49 -7.45 0.69
CA GLU A 212 9.27 -7.93 -0.46
C GLU A 212 9.55 -9.43 -0.37
N ILE A 213 9.12 -10.15 -1.41
CA ILE A 213 9.31 -11.60 -1.48
C ILE A 213 9.14 -12.05 -2.93
N THR A 214 9.74 -13.20 -3.24
CA THR A 214 9.63 -13.80 -4.56
C THR A 214 9.27 -15.25 -4.37
N LEU A 215 8.14 -15.66 -4.94
CA LEU A 215 7.73 -17.07 -4.88
C LEU A 215 7.68 -17.52 -6.32
N THR A 216 8.36 -18.61 -6.66
CA THR A 216 8.35 -19.10 -8.03
C THR A 216 8.18 -20.63 -8.03
N TRP A 217 7.46 -21.17 -9.02
CA TRP A 217 7.27 -22.62 -9.14
C TRP A 217 8.11 -23.07 -10.32
N GLN A 218 8.77 -24.22 -10.19
CA GLN A 218 9.56 -24.75 -11.29
C GLN A 218 9.07 -26.16 -11.63
N ARG A 219 9.06 -26.54 -12.91
CA ARG A 219 8.73 -27.92 -13.25
C ARG A 219 9.99 -28.42 -13.92
N ASP A 220 10.59 -29.45 -13.31
CA ASP A 220 11.83 -30.05 -13.80
C ASP A 220 12.92 -28.95 -13.79
N GLY A 221 12.90 -28.12 -12.76
CA GLY A 221 13.87 -27.04 -12.63
C GLY A 221 13.69 -25.86 -13.56
N GLU A 222 12.65 -25.88 -14.40
CA GLU A 222 12.38 -24.79 -15.33
C GLU A 222 11.29 -23.90 -14.78
N ASP A 223 11.53 -22.59 -14.72
CA ASP A 223 10.52 -21.68 -14.19
C ASP A 223 9.24 -21.72 -14.99
N GLN A 224 8.12 -21.65 -14.27
CA GLN A 224 6.81 -21.69 -14.88
C GLN A 224 6.12 -20.34 -14.82
N THR A 225 6.86 -19.28 -15.14
CA THR A 225 6.33 -17.92 -15.08
C THR A 225 4.97 -17.69 -15.71
N GLN A 226 4.80 -18.14 -16.95
CA GLN A 226 3.54 -17.96 -17.68
C GLN A 226 2.38 -18.81 -17.17
N ASP A 227 2.73 -19.92 -16.52
CA ASP A 227 1.73 -20.84 -15.99
C ASP A 227 1.46 -20.74 -14.50
N THR A 228 2.12 -19.79 -13.84
CA THR A 228 1.94 -19.62 -12.41
C THR A 228 0.95 -18.49 -12.09
N GLU A 229 -0.01 -18.77 -11.21
CA GLU A 229 -0.93 -17.73 -10.78
C GLU A 229 -0.36 -17.21 -9.48
N LEU A 230 -0.13 -15.91 -9.44
CA LEU A 230 0.48 -15.23 -8.30
C LEU A 230 -0.49 -14.17 -7.76
N VAL A 231 -0.82 -14.21 -6.47
CA VAL A 231 -1.70 -13.17 -5.95
C VAL A 231 -0.83 -12.03 -5.43
N GLU A 232 -1.42 -10.86 -5.29
CA GLU A 232 -0.68 -9.71 -4.80
C GLU A 232 -0.41 -9.88 -3.31
N THR A 233 0.81 -9.56 -2.87
CA THR A 233 1.19 -9.66 -1.47
C THR A 233 0.13 -8.86 -0.71
N ARG A 234 -0.42 -9.46 0.33
CA ARG A 234 -1.50 -8.83 1.07
C ARG A 234 -1.19 -8.73 2.56
N PRO A 235 -1.67 -7.66 3.23
CA PRO A 235 -1.41 -7.50 4.65
C PRO A 235 -2.25 -8.44 5.51
N ALA A 236 -1.62 -9.14 6.44
CA ALA A 236 -2.36 -10.05 7.30
C ALA A 236 -3.11 -9.24 8.37
N GLY A 237 -2.59 -8.05 8.69
CA GLY A 237 -3.20 -7.19 9.69
C GLY A 237 -2.45 -7.09 11.01
N ASP A 238 -1.39 -7.88 11.16
CA ASP A 238 -0.57 -7.87 12.39
C ASP A 238 0.83 -7.35 12.08
N ARG A 239 0.94 -6.58 10.99
CA ARG A 239 2.18 -5.96 10.44
C ARG A 239 2.82 -6.85 9.36
N THR A 240 2.50 -8.14 9.37
CA THR A 240 3.06 -9.10 8.41
C THR A 240 2.26 -9.23 7.11
N PHE A 241 2.83 -9.94 6.14
CA PHE A 241 2.20 -10.11 4.85
C PHE A 241 2.05 -11.56 4.47
N GLN A 242 1.24 -11.80 3.44
CA GLN A 242 1.02 -13.15 2.96
C GLN A 242 1.08 -13.14 1.45
N LYS A 243 1.34 -14.30 0.85
CA LYS A 243 1.37 -14.39 -0.61
C LYS A 243 1.33 -15.86 -0.98
N TRP A 244 0.87 -16.16 -2.19
CA TRP A 244 0.88 -17.54 -2.67
C TRP A 244 1.04 -17.56 -4.18
N ALA A 245 1.51 -18.69 -4.70
CA ALA A 245 1.71 -18.89 -6.13
C ALA A 245 1.14 -20.30 -6.38
N ALA A 246 0.34 -20.45 -7.43
CA ALA A 246 -0.23 -21.74 -7.71
C ALA A 246 0.04 -22.16 -9.15
N VAL A 247 0.01 -23.45 -9.37
CA VAL A 247 0.26 -23.99 -10.69
C VAL A 247 -0.70 -25.21 -10.80
N VAL A 248 -1.30 -25.40 -11.97
CA VAL A 248 -2.16 -26.55 -12.25
C VAL A 248 -1.26 -27.59 -12.90
N VAL A 249 -1.13 -28.74 -12.26
CA VAL A 249 -0.24 -29.78 -12.74
C VAL A 249 -1.01 -31.05 -13.05
N PRO A 250 -0.46 -31.89 -13.95
CA PRO A 250 -1.13 -33.17 -14.28
C PRO A 250 -1.01 -34.12 -13.09
N SER A 251 -2.11 -34.81 -12.76
CA SER A 251 -2.10 -35.74 -11.64
C SER A 251 -1.00 -36.76 -11.79
N GLY A 252 -0.27 -36.99 -10.71
CA GLY A 252 0.82 -37.94 -10.75
C GLY A 252 2.16 -37.28 -11.06
N GLU A 253 2.14 -36.01 -11.46
CA GLU A 253 3.37 -35.27 -11.80
C GLU A 253 3.82 -34.23 -10.75
N GLU A 254 3.09 -34.17 -9.63
CA GLU A 254 3.34 -33.22 -8.55
C GLU A 254 4.78 -33.15 -8.09
N GLN A 255 5.46 -34.30 -8.09
CA GLN A 255 6.85 -34.32 -7.65
C GLN A 255 7.85 -33.67 -8.60
N ARG A 256 7.42 -33.36 -9.80
CA ARG A 256 8.26 -32.69 -10.78
C ARG A 256 8.26 -31.17 -10.51
N TYR A 257 7.46 -30.73 -9.55
CA TYR A 257 7.32 -29.32 -9.21
C TYR A 257 7.95 -28.93 -7.89
N THR A 258 8.61 -27.76 -7.87
CA THR A 258 9.25 -27.19 -6.67
C THR A 258 9.01 -25.70 -6.58
N CYS A 259 8.67 -25.25 -5.38
CA CYS A 259 8.43 -23.86 -5.11
C CYS A 259 9.69 -23.27 -4.49
N HIS A 260 10.09 -22.08 -4.91
CA HIS A 260 11.29 -21.44 -4.40
C HIS A 260 10.89 -20.13 -3.77
N VAL A 261 11.32 -19.97 -2.51
CA VAL A 261 10.98 -18.81 -1.72
C VAL A 261 12.21 -18.01 -1.37
N GLN A 262 12.19 -16.72 -1.71
CA GLN A 262 13.30 -15.82 -1.40
C GLN A 262 12.75 -14.70 -0.56
N HIS A 263 13.35 -14.48 0.58
CA HIS A 263 12.93 -13.39 1.47
C HIS A 263 14.17 -13.00 2.27
N GLU A 264 14.33 -11.71 2.61
CA GLU A 264 15.52 -11.29 3.35
C GLU A 264 15.67 -11.83 4.77
N GLY A 265 14.59 -12.35 5.34
CA GLY A 265 14.65 -12.91 6.68
C GLY A 265 15.04 -14.37 6.64
N LEU A 266 15.29 -14.87 5.44
CA LEU A 266 15.72 -16.25 5.21
C LEU A 266 17.21 -16.21 4.94
N PRO A 267 18.00 -17.05 5.65
CA PRO A 267 19.46 -17.11 5.46
C PRO A 267 19.79 -17.56 4.04
N LYS A 268 19.04 -18.56 3.58
CA LYS A 268 19.17 -19.11 2.25
C LYS A 268 17.72 -19.30 1.75
N PRO A 269 17.50 -19.13 0.43
CA PRO A 269 16.18 -19.29 -0.17
C PRO A 269 15.72 -20.74 -0.06
N LEU A 270 14.43 -20.93 0.19
CA LEU A 270 13.86 -22.26 0.36
C LEU A 270 13.37 -22.89 -0.94
N THR A 271 13.31 -24.21 -0.91
CA THR A 271 12.82 -25.00 -2.01
C THR A 271 11.85 -25.95 -1.32
N LEU A 272 10.59 -25.98 -1.76
CA LEU A 272 9.60 -26.87 -1.15
C LEU A 272 8.88 -27.64 -2.22
N ARG A 273 8.24 -28.74 -1.81
CA ARG A 273 7.48 -29.60 -2.69
C ARG A 273 6.32 -30.13 -1.89
N TRP A 274 5.26 -30.50 -2.58
CA TRP A 274 4.11 -31.02 -1.89
C TRP A 274 4.49 -32.32 -1.20
N GLU A 275 4.31 -32.37 0.12
CA GLU A 275 4.60 -33.55 0.92
C GLU A 275 3.26 -34.10 1.38
N PRO A 276 2.69 -35.06 0.61
CA PRO A 276 1.41 -35.73 0.81
C PRO A 276 1.07 -36.05 2.26
N ILE B 1 -7.76 8.96 -15.21
CA ILE B 1 -8.19 7.57 -15.59
C ILE B 1 -8.82 6.80 -14.43
N GLN B 2 -9.37 5.63 -14.71
CA GLN B 2 -10.01 4.83 -13.68
C GLN B 2 -9.51 3.40 -13.66
N ARG B 3 -9.31 2.88 -12.46
CA ARG B 3 -8.82 1.52 -12.31
C ARG B 3 -9.74 0.74 -11.37
N THR B 4 -10.13 -0.46 -11.78
CA THR B 4 -11.05 -1.27 -10.99
C THR B 4 -10.32 -2.00 -9.88
N PRO B 5 -10.92 -2.04 -8.68
CA PRO B 5 -10.29 -2.72 -7.54
C PRO B 5 -10.07 -4.21 -7.66
N LYS B 6 -8.90 -4.66 -7.22
CA LYS B 6 -8.57 -6.06 -7.18
C LYS B 6 -9.09 -6.40 -5.78
N ILE B 7 -9.60 -7.60 -5.53
CA ILE B 7 -10.18 -7.91 -4.23
C ILE B 7 -9.72 -9.27 -3.69
N GLN B 8 -9.30 -9.32 -2.43
CA GLN B 8 -8.91 -10.60 -1.84
C GLN B 8 -9.58 -10.70 -0.48
N VAL B 9 -10.27 -11.82 -0.23
CA VAL B 9 -10.93 -12.10 1.05
C VAL B 9 -10.16 -13.27 1.65
N TYR B 10 -9.74 -13.14 2.90
CA TYR B 10 -8.95 -14.19 3.53
C TYR B 10 -8.84 -13.94 5.03
N SER B 11 -8.40 -14.93 5.77
CA SER B 11 -8.24 -14.80 7.22
C SER B 11 -6.80 -14.48 7.58
N ARG B 12 -6.57 -13.79 8.70
CA ARG B 12 -5.23 -13.46 9.13
C ARG B 12 -4.39 -14.71 9.38
N HIS B 13 -5.05 -15.71 9.96
CA HIS B 13 -4.44 -16.99 10.32
C HIS B 13 -5.19 -18.09 9.57
N PRO B 14 -4.51 -19.25 9.35
CA PRO B 14 -5.18 -20.36 8.65
C PRO B 14 -6.47 -20.66 9.45
N ALA B 15 -7.59 -20.78 8.74
CA ALA B 15 -8.88 -21.01 9.38
C ALA B 15 -8.98 -22.35 10.08
N GLU B 16 -9.57 -22.30 11.27
CA GLU B 16 -9.78 -23.49 12.08
C GLU B 16 -11.19 -23.25 12.62
N ASN B 17 -12.13 -24.14 12.29
CA ASN B 17 -13.53 -24.00 12.75
C ASN B 17 -13.66 -23.89 14.27
N GLY B 18 -14.22 -22.78 14.73
CA GLY B 18 -14.36 -22.58 16.17
C GLY B 18 -13.29 -21.73 16.82
N LYS B 19 -12.18 -21.50 16.12
CA LYS B 19 -11.11 -20.68 16.66
C LYS B 19 -11.27 -19.25 16.15
N SER B 20 -11.21 -18.28 17.06
CA SER B 20 -11.38 -16.85 16.71
C SER B 20 -10.24 -16.45 15.74
N ASN B 21 -10.52 -15.53 14.82
CA ASN B 21 -9.55 -15.15 13.81
C ASN B 21 -9.97 -13.75 13.32
N PHE B 22 -9.41 -13.32 12.19
CA PHE B 22 -9.76 -12.03 11.57
C PHE B 22 -10.03 -12.29 10.11
N LEU B 23 -11.17 -11.75 9.66
CA LEU B 23 -11.59 -11.83 8.27
C LEU B 23 -11.09 -10.53 7.65
N ASN B 24 -10.34 -10.66 6.56
CA ASN B 24 -9.78 -9.53 5.83
C ASN B 24 -10.32 -9.38 4.43
N CYS B 25 -10.53 -8.13 4.02
CA CYS B 25 -10.89 -7.85 2.64
C CYS B 25 -9.93 -6.75 2.23
N TYR B 26 -9.03 -7.10 1.33
CA TYR B 26 -7.99 -6.19 0.84
C TYR B 26 -8.35 -5.84 -0.58
N VAL B 27 -8.59 -4.55 -0.79
CA VAL B 27 -8.95 -4.02 -2.10
C VAL B 27 -7.76 -3.20 -2.49
N SER B 28 -7.29 -3.37 -3.71
CA SER B 28 -6.14 -2.63 -4.15
C SER B 28 -6.17 -2.37 -5.65
N GLY B 29 -5.19 -1.64 -6.14
CA GLY B 29 -5.09 -1.33 -7.55
C GLY B 29 -6.16 -0.47 -8.17
N PHE B 30 -6.94 0.23 -7.35
CA PHE B 30 -8.03 1.06 -7.85
C PHE B 30 -7.76 2.55 -7.86
N HIS B 31 -8.53 3.27 -8.67
CA HIS B 31 -8.41 4.73 -8.79
C HIS B 31 -9.75 5.16 -9.45
N PRO B 32 -10.43 6.21 -8.93
CA PRO B 32 -10.10 7.04 -7.78
C PRO B 32 -10.36 6.29 -6.46
N SER B 33 -10.08 6.96 -5.33
CA SER B 33 -10.16 6.35 -4.01
C SER B 33 -11.48 6.03 -3.36
N ASP B 34 -12.57 6.59 -3.86
CA ASP B 34 -13.88 6.30 -3.30
C ASP B 34 -14.23 4.85 -3.58
N ILE B 35 -14.50 4.10 -2.55
CA ILE B 35 -14.84 2.68 -2.72
C ILE B 35 -15.73 2.32 -1.52
N GLU B 36 -16.64 1.35 -1.70
CA GLU B 36 -17.50 0.93 -0.59
C GLU B 36 -17.24 -0.56 -0.42
N VAL B 37 -16.90 -0.95 0.79
CA VAL B 37 -16.61 -2.35 1.08
C VAL B 37 -17.40 -2.79 2.29
N ASP B 38 -18.07 -3.94 2.17
CA ASP B 38 -18.84 -4.53 3.26
C ASP B 38 -18.37 -5.97 3.42
N LEU B 39 -18.24 -6.44 4.66
CA LEU B 39 -17.87 -7.83 4.92
C LEU B 39 -19.21 -8.47 5.23
N LEU B 40 -19.49 -9.59 4.56
CA LEU B 40 -20.75 -10.29 4.73
C LEU B 40 -20.66 -11.64 5.44
N LYS B 41 -21.66 -11.89 6.27
CA LYS B 41 -21.81 -13.14 7.01
C LYS B 41 -23.20 -13.70 6.61
N ASN B 42 -23.23 -14.73 5.76
CA ASN B 42 -24.50 -15.32 5.31
C ASN B 42 -25.38 -14.24 4.64
N GLY B 43 -24.79 -13.47 3.73
CA GLY B 43 -25.52 -12.41 3.04
C GLY B 43 -25.80 -11.12 3.81
N GLU B 44 -25.58 -11.14 5.12
CA GLU B 44 -25.83 -9.99 5.96
C GLU B 44 -24.57 -9.18 6.23
N ARG B 45 -24.72 -7.86 6.30
CA ARG B 45 -23.59 -6.96 6.56
C ARG B 45 -23.10 -7.03 8.00
N ILE B 46 -21.80 -7.11 8.20
CA ILE B 46 -21.21 -7.13 9.53
C ILE B 46 -20.97 -5.67 9.88
N GLU B 47 -21.43 -5.25 11.05
CA GLU B 47 -21.32 -3.86 11.47
C GLU B 47 -20.01 -3.43 12.12
N LYS B 48 -19.30 -4.39 12.71
CA LYS B 48 -18.04 -4.10 13.39
C LYS B 48 -16.87 -4.31 12.42
N VAL B 49 -16.80 -3.45 11.40
CA VAL B 49 -15.76 -3.55 10.40
C VAL B 49 -14.92 -2.27 10.38
N GLU B 50 -13.62 -2.43 10.61
CA GLU B 50 -12.69 -1.32 10.60
C GLU B 50 -11.87 -1.39 9.32
N HIS B 51 -11.02 -0.38 9.12
CA HIS B 51 -10.15 -0.34 7.97
C HIS B 51 -8.88 0.52 8.14
N SER B 52 -7.90 0.21 7.33
CA SER B 52 -6.64 0.93 7.35
C SER B 52 -6.82 2.34 6.80
N ASP B 53 -5.82 3.19 7.03
CA ASP B 53 -5.81 4.56 6.55
C ASP B 53 -5.48 4.49 5.05
N LEU B 54 -6.18 5.28 4.25
CA LEU B 54 -5.95 5.28 2.82
C LEU B 54 -4.50 5.54 2.46
N SER B 55 -3.97 4.66 1.63
CA SER B 55 -2.62 4.78 1.13
C SER B 55 -2.66 4.30 -0.31
N PHE B 56 -1.53 4.39 -0.99
CA PHE B 56 -1.42 3.98 -2.40
C PHE B 56 -0.02 3.48 -2.72
N SER B 57 0.07 2.69 -3.79
CA SER B 57 1.32 2.11 -4.23
C SER B 57 2.12 3.04 -5.15
N LYS B 58 3.32 2.62 -5.55
CA LYS B 58 4.22 3.36 -6.44
C LYS B 58 3.56 3.73 -7.78
N ASP B 59 2.59 2.93 -8.23
CA ASP B 59 1.90 3.24 -9.47
C ASP B 59 0.67 4.15 -9.24
N TRP B 60 0.54 4.67 -8.02
CA TRP B 60 -0.53 5.60 -7.60
C TRP B 60 -1.91 4.99 -7.32
N SER B 61 -2.08 3.68 -7.50
CA SER B 61 -3.37 3.07 -7.24
C SER B 61 -3.53 2.89 -5.75
N PHE B 62 -4.74 3.04 -5.25
CA PHE B 62 -4.99 2.95 -3.82
C PHE B 62 -5.14 1.53 -3.27
N TYR B 63 -4.98 1.37 -1.96
CA TYR B 63 -5.19 0.08 -1.33
C TYR B 63 -5.75 0.32 0.06
N LEU B 64 -6.63 -0.59 0.49
CA LEU B 64 -7.26 -0.53 1.82
C LEU B 64 -7.50 -1.94 2.34
N LEU B 65 -7.30 -2.13 3.63
CA LEU B 65 -7.57 -3.43 4.25
C LEU B 65 -8.75 -3.21 5.19
N TYR B 66 -9.81 -4.00 4.99
CA TYR B 66 -10.99 -3.94 5.82
C TYR B 66 -10.92 -5.23 6.58
N TYR B 67 -11.25 -5.20 7.86
CA TYR B 67 -11.15 -6.39 8.66
C TYR B 67 -12.12 -6.41 9.82
N THR B 68 -12.36 -7.62 10.32
CA THR B 68 -13.23 -7.83 11.46
C THR B 68 -12.86 -9.19 12.10
N GLU B 69 -13.06 -9.26 13.40
CA GLU B 69 -12.79 -10.48 14.17
C GLU B 69 -13.97 -11.39 13.88
N PHE B 70 -13.70 -12.68 13.69
CA PHE B 70 -14.74 -13.63 13.38
C PHE B 70 -14.29 -15.02 13.80
N THR B 71 -15.23 -15.93 13.96
CA THR B 71 -14.89 -17.30 14.33
C THR B 71 -15.42 -18.15 13.21
N PRO B 72 -14.54 -18.67 12.33
CA PRO B 72 -14.99 -19.50 11.20
C PRO B 72 -15.73 -20.76 11.69
N THR B 73 -16.76 -21.17 10.97
CA THR B 73 -17.45 -22.43 11.31
C THR B 73 -17.56 -23.18 9.99
N GLU B 74 -18.12 -24.37 10.00
CA GLU B 74 -18.21 -25.11 8.76
C GLU B 74 -19.37 -24.60 7.90
N LYS B 75 -20.45 -24.21 8.57
CA LYS B 75 -21.68 -23.72 7.93
C LYS B 75 -21.67 -22.28 7.41
N ASP B 76 -21.11 -21.36 8.19
CA ASP B 76 -21.10 -19.95 7.82
C ASP B 76 -20.32 -19.59 6.55
N GLU B 77 -20.98 -18.81 5.70
CA GLU B 77 -20.41 -18.31 4.45
C GLU B 77 -20.06 -16.85 4.66
N TYR B 78 -18.84 -16.47 4.30
CA TYR B 78 -18.39 -15.10 4.44
C TYR B 78 -18.06 -14.56 3.06
N ALA B 79 -18.23 -13.26 2.90
CA ALA B 79 -17.95 -12.63 1.62
C ALA B 79 -17.58 -11.17 1.77
N CYS B 80 -17.08 -10.58 0.69
CA CYS B 80 -16.71 -9.18 0.69
C CYS B 80 -17.45 -8.55 -0.49
N ARG B 81 -18.23 -7.52 -0.20
CA ARG B 81 -18.99 -6.82 -1.25
C ARG B 81 -18.33 -5.47 -1.49
N VAL B 82 -17.90 -5.28 -2.73
CA VAL B 82 -17.18 -4.08 -3.11
C VAL B 82 -17.85 -3.34 -4.25
N ASN B 83 -17.98 -2.03 -4.08
CA ASN B 83 -18.50 -1.16 -5.12
C ASN B 83 -17.55 0.01 -5.35
N HIS B 84 -17.37 0.33 -6.63
CA HIS B 84 -16.47 1.39 -7.08
C HIS B 84 -17.04 1.89 -8.38
N VAL B 85 -16.64 3.11 -8.76
CA VAL B 85 -17.10 3.73 -10.01
C VAL B 85 -16.87 2.86 -11.26
N THR B 86 -15.90 1.96 -11.23
CA THR B 86 -15.61 1.10 -12.37
C THR B 86 -16.54 -0.12 -12.49
N LEU B 87 -17.38 -0.31 -11.46
CA LEU B 87 -18.29 -1.45 -11.41
C LEU B 87 -19.76 -1.06 -11.57
N SER B 88 -20.46 -1.78 -12.46
CA SER B 88 -21.89 -1.58 -12.71
C SER B 88 -22.69 -1.82 -11.44
N GLN B 89 -22.47 -2.98 -10.82
CA GLN B 89 -23.14 -3.35 -9.58
C GLN B 89 -22.08 -3.92 -8.62
N PRO B 90 -22.37 -3.94 -7.32
CA PRO B 90 -21.43 -4.46 -6.32
C PRO B 90 -20.87 -5.81 -6.71
N LYS B 91 -19.56 -5.98 -6.53
CA LYS B 91 -18.94 -7.25 -6.84
C LYS B 91 -18.82 -7.95 -5.50
N ILE B 92 -19.25 -9.20 -5.44
CA ILE B 92 -19.15 -9.96 -4.20
C ILE B 92 -18.16 -11.11 -4.40
N VAL B 93 -17.17 -11.20 -3.52
CA VAL B 93 -16.17 -12.27 -3.57
C VAL B 93 -16.32 -13.10 -2.31
N LYS B 94 -16.63 -14.39 -2.48
CA LYS B 94 -16.80 -15.30 -1.33
C LYS B 94 -15.50 -15.75 -0.72
N TRP B 95 -15.48 -15.84 0.60
CA TRP B 95 -14.27 -16.27 1.27
C TRP B 95 -14.01 -17.74 1.00
N ASP B 96 -12.81 -18.03 0.55
CA ASP B 96 -12.35 -19.40 0.31
C ASP B 96 -11.21 -19.57 1.31
N ARG B 97 -11.44 -20.46 2.26
CA ARG B 97 -10.51 -20.77 3.33
C ARG B 97 -9.10 -21.19 2.88
N ASP B 98 -9.00 -21.61 1.63
CA ASP B 98 -7.76 -22.07 1.00
C ASP B 98 -7.19 -21.05 0.00
N MET B 99 -7.60 -19.80 0.12
CA MET B 99 -7.13 -18.76 -0.79
C MET B 99 -6.86 -17.40 -0.13
N GLY C 1 9.25 13.11 9.93
CA GLY C 1 8.63 14.45 9.92
C GLY C 1 8.34 14.80 8.49
N GLY C 2 7.23 15.48 8.24
CA GLY C 2 6.89 15.84 6.87
C GLY C 2 7.48 17.17 6.44
N LYS C 3 7.15 17.57 5.22
CA LYS C 3 7.61 18.85 4.72
C LYS C 3 6.45 19.63 4.16
N LYS C 4 6.54 20.95 4.28
CA LYS C 4 5.53 21.81 3.69
C LYS C 4 5.89 21.80 2.21
N ARG C 5 4.94 21.40 1.39
CA ARG C 5 5.15 21.35 -0.05
C ARG C 5 4.69 22.67 -0.69
N TYR C 6 4.94 22.78 -1.99
CA TYR C 6 4.65 23.97 -2.79
C TYR C 6 3.49 23.78 -3.72
N LYS C 7 2.78 24.86 -4.01
CA LYS C 7 1.65 24.79 -4.93
C LYS C 7 2.09 24.58 -6.39
N LEU C 8 1.40 23.64 -7.04
CA LEU C 8 1.61 23.30 -8.45
C LEU C 8 1.11 24.45 -9.30
#